data_3V4A
#
_entry.id   3V4A
#
_cell.length_a   54.446
_cell.length_b   66.805
_cell.length_c   69.854
_cell.angle_alpha   90.00
_cell.angle_beta   90.00
_cell.angle_gamma   90.00
#
_symmetry.space_group_name_H-M   'P 21 21 21'
#
loop_
_entity.id
_entity.type
_entity.pdbx_description
1 polymer 'Androgen receptor'
2 polymer 'Androgen receptor'
3 non-polymer (5R)-3-(3,4-dichlorophenyl)-5-(4-hydroxyphenyl)-1,5-dimethyl-2-thioxoimidazolidin-4-one
4 non-polymer 'SULFATE ION'
5 water water
#
loop_
_entity_poly.entity_id
_entity_poly.type
_entity_poly.pdbx_seq_one_letter_code
_entity_poly.pdbx_strand_id
1 'polypeptide(L)'
;PIFLNVLEAIEPGVVCAGHDNNQPDSFAALLSSLNELGERQLVHVVKWAKALPGFRNLHVDDQMAVIQYSWMGLMVFAMG
WRSFTNVNSRMLYFAPDLVFNEYRMHKSRMYSQCVRMRHLSQEFGWLQITPQEFLCMKALLLFSIIPVDGLKNQKFFDEL
RMNYIKELDRIIACKRKNPTSCSRRFYQLTKLLDSVQPIARELHQFTFDLLIKSHMVSVDFPEMMAEIISVQVPKILSGK
VKPIYFHTQ
;
A
2 'polypeptide(L)' GAFQNLFQSVR B
#
loop_
_chem_comp.id
_chem_comp.type
_chem_comp.name
_chem_comp.formula
PK1 non-polymer (5R)-3-(3,4-dichlorophenyl)-5-(4-hydroxyphenyl)-1,5-dimethyl-2-thioxoimidazolidin-4-one 'C17 H14 Cl2 N2 O2 S'
SO4 non-polymer 'SULFATE ION' 'O4 S -2'
#
# COMPACT_ATOMS: atom_id res chain seq x y z
N PRO A 1 -25.99 0.09 -4.40
CA PRO A 1 -24.53 -0.06 -4.31
C PRO A 1 -24.05 0.26 -2.90
N ILE A 2 -24.67 -0.38 -1.91
CA ILE A 2 -24.32 -0.19 -0.52
C ILE A 2 -22.82 -0.28 -0.27
N PHE A 3 -22.24 -1.32 -0.86
CA PHE A 3 -20.83 -1.60 -0.59
C PHE A 3 -19.98 -0.48 -1.16
N LEU A 4 -20.23 -0.15 -2.43
CA LEU A 4 -19.46 0.95 -3.03
C LEU A 4 -19.71 2.28 -2.33
N ASN A 5 -20.94 2.45 -1.83
CA ASN A 5 -21.26 3.68 -1.09
C ASN A 5 -20.28 3.87 0.06
N VAL A 6 -20.10 2.79 0.83
CA VAL A 6 -19.25 2.84 2.00
C VAL A 6 -17.79 3.14 1.65
N LEU A 7 -17.25 2.41 0.69
CA LEU A 7 -15.87 2.59 0.23
C LEU A 7 -15.59 4.01 -0.21
N GLU A 8 -16.51 4.61 -0.94
CA GLU A 8 -16.35 6.01 -1.32
C GLU A 8 -16.43 6.90 -0.10
N ALA A 9 -17.38 6.60 0.80
CA ALA A 9 -17.53 7.40 2.01
C ALA A 9 -16.28 7.36 2.89
N ILE A 10 -15.58 6.23 3.01
CA ILE A 10 -14.45 6.24 3.94
C ILE A 10 -13.14 6.61 3.27
N GLU A 11 -13.13 6.88 1.97
CA GLU A 11 -11.83 7.05 1.28
C GLU A 11 -11.09 8.29 1.75
N PRO A 12 -9.84 8.14 2.19
CA PRO A 12 -9.08 9.28 2.70
C PRO A 12 -8.87 10.34 1.63
N GLY A 13 -8.75 11.57 2.12
CA GLY A 13 -8.52 12.76 1.29
C GLY A 13 -7.04 12.91 0.98
N VAL A 14 -6.65 14.05 0.43
CA VAL A 14 -5.26 14.31 0.07
C VAL A 14 -4.36 14.44 1.29
N VAL A 15 -3.14 13.93 1.14
CA VAL A 15 -2.14 13.98 2.19
C VAL A 15 -0.86 14.60 1.63
N CYS A 16 -0.33 15.62 2.29
CA CYS A 16 0.93 16.21 1.83
C CYS A 16 2.10 15.60 2.59
N ALA A 17 3.30 15.73 2.05
CA ALA A 17 4.48 15.17 2.68
C ALA A 17 5.27 16.17 3.52
N GLY A 18 5.08 17.48 3.32
CA GLY A 18 5.86 18.48 4.03
C GLY A 18 7.22 18.78 3.40
N HIS A 19 7.43 18.38 2.16
CA HIS A 19 8.72 18.47 1.49
C HIS A 19 9.09 19.90 1.09
N ASP A 20 10.36 20.27 1.25
CA ASP A 20 10.77 21.60 0.81
C ASP A 20 11.18 21.55 -0.66
N ASN A 21 10.24 21.95 -1.50
CA ASN A 21 10.49 21.99 -2.93
C ASN A 21 11.35 23.19 -3.33
N ASN A 22 11.73 24.02 -2.36
CA ASN A 22 12.59 25.17 -2.67
C ASN A 22 14.07 24.85 -2.53
N GLN A 23 14.42 23.71 -1.99
CA GLN A 23 15.80 23.27 -1.85
C GLN A 23 16.18 22.32 -2.98
N PRO A 24 17.44 22.18 -3.35
CA PRO A 24 17.74 21.20 -4.42
C PRO A 24 17.60 19.79 -3.88
N ASP A 25 17.25 18.82 -4.71
CA ASP A 25 17.09 17.44 -4.27
C ASP A 25 18.42 16.85 -3.80
N SER A 26 18.35 16.02 -2.77
CA SER A 26 19.37 15.18 -2.20
C SER A 26 18.72 13.86 -1.79
N PHE A 27 19.50 12.79 -1.72
CA PHE A 27 19.04 11.49 -1.25
C PHE A 27 18.44 11.60 0.13
N ALA A 28 19.19 12.18 1.07
CA ALA A 28 18.71 12.34 2.43
C ALA A 28 17.39 13.08 2.51
N ALA A 29 17.20 14.15 1.74
CA ALA A 29 15.96 14.94 1.92
C ALA A 29 14.76 14.21 1.35
N LEU A 30 14.97 13.55 0.22
CA LEU A 30 13.88 12.78 -0.39
C LEU A 30 13.44 11.64 0.52
N LEU A 31 14.38 10.94 1.14
CA LEU A 31 14.00 9.79 1.99
C LEU A 31 13.40 10.29 3.29
N SER A 32 13.86 11.46 3.77
CA SER A 32 13.19 11.96 4.96
C SER A 32 11.75 12.28 4.65
N SER A 33 11.50 12.82 3.46
CA SER A 33 10.12 13.18 3.10
C SER A 33 9.26 11.96 2.82
N LEU A 34 9.85 10.91 2.26
CA LEU A 34 9.10 9.66 2.08
C LEU A 34 8.78 9.04 3.43
N ASN A 35 9.70 9.13 4.41
CA ASN A 35 9.40 8.59 5.73
C ASN A 35 8.25 9.35 6.37
N GLU A 36 8.28 10.68 6.28
CA GLU A 36 7.23 11.50 6.86
C GLU A 36 5.89 11.22 6.21
N LEU A 37 5.89 11.10 4.89
CA LEU A 37 4.67 10.83 4.14
C LEU A 37 4.10 9.45 4.48
N GLY A 38 5.02 8.49 4.54
CA GLY A 38 4.69 7.10 4.84
C GLY A 38 4.02 7.05 6.21
N GLU A 39 4.53 7.83 7.14
CA GLU A 39 3.96 7.82 8.48
C GLU A 39 2.62 8.54 8.50
N ARG A 40 2.49 9.68 7.82
CA ARG A 40 1.20 10.35 7.75
C ARG A 40 0.12 9.52 7.08
N GLN A 41 0.49 8.82 6.02
CA GLN A 41 -0.50 7.98 5.32
C GLN A 41 -0.87 6.76 6.16
N LEU A 42 0.07 6.21 6.93
CA LEU A 42 -0.25 5.08 7.81
C LEU A 42 -1.40 5.45 8.75
N VAL A 43 -1.37 6.67 9.29
CA VAL A 43 -2.48 7.14 10.12
C VAL A 43 -3.79 7.05 9.36
N HIS A 44 -3.83 7.53 8.13
CA HIS A 44 -5.06 7.44 7.36
C HIS A 44 -5.42 6.00 7.00
N VAL A 45 -4.42 5.16 6.73
CA VAL A 45 -4.70 3.75 6.49
C VAL A 45 -5.37 3.11 7.69
N VAL A 46 -4.94 3.41 8.92
CA VAL A 46 -5.62 2.84 10.10
C VAL A 46 -7.06 3.30 10.21
N LYS A 47 -7.34 4.58 10.05
CA LYS A 47 -8.68 5.14 10.16
C LYS A 47 -9.60 4.53 9.10
N TRP A 48 -9.08 4.46 7.88
CA TRP A 48 -9.77 3.86 6.74
C TRP A 48 -10.07 2.39 7.05
N ALA A 49 -9.02 1.64 7.36
CA ALA A 49 -9.14 0.21 7.61
C ALA A 49 -10.16 -0.07 8.70
N LYS A 50 -10.10 0.69 9.80
CA LYS A 50 -11.00 0.34 10.90
C LYS A 50 -12.46 0.54 10.55
N ALA A 51 -12.69 1.33 9.51
CA ALA A 51 -14.03 1.65 9.05
C ALA A 51 -14.53 0.74 7.93
N LEU A 52 -13.74 -0.23 7.52
CA LEU A 52 -14.16 -1.10 6.43
C LEU A 52 -15.24 -2.09 6.85
N PRO A 53 -16.21 -2.33 5.96
CA PRO A 53 -17.24 -3.36 6.22
C PRO A 53 -16.61 -4.65 6.75
N GLY A 54 -17.08 -5.09 7.91
CA GLY A 54 -16.71 -6.34 8.54
C GLY A 54 -15.34 -6.39 9.17
N PHE A 55 -14.59 -5.29 9.15
CA PHE A 55 -13.21 -5.33 9.62
C PHE A 55 -13.10 -5.67 11.10
N ARG A 56 -14.10 -5.23 11.87
CA ARG A 56 -14.13 -5.52 13.31
C ARG A 56 -14.42 -6.99 13.60
N ASN A 57 -14.84 -7.77 12.62
CA ASN A 57 -15.02 -9.20 12.79
C ASN A 57 -13.69 -9.86 13.12
N LEU A 58 -12.59 -9.24 12.72
CA LEU A 58 -11.27 -9.83 12.89
C LEU A 58 -10.82 -9.74 14.35
N HIS A 59 -10.13 -10.77 14.82
CA HIS A 59 -9.46 -10.64 16.12
C HIS A 59 -8.61 -9.39 16.08
N VAL A 60 -8.53 -8.65 17.19
CA VAL A 60 -7.84 -7.36 17.20
C VAL A 60 -6.35 -7.53 16.95
N ASP A 61 -5.78 -8.69 17.29
CA ASP A 61 -4.37 -8.83 16.95
C ASP A 61 -4.20 -8.94 15.44
N ASP A 62 -5.17 -9.55 14.78
CA ASP A 62 -5.15 -9.72 13.33
C ASP A 62 -5.45 -8.40 12.63
N GLN A 63 -6.38 -7.60 13.16
CA GLN A 63 -6.60 -6.26 12.64
C GLN A 63 -5.28 -5.48 12.60
N MET A 64 -4.55 -5.49 13.70
CA MET A 64 -3.28 -4.75 13.73
C MET A 64 -2.26 -5.34 12.76
N ALA A 65 -2.12 -6.66 12.77
CA ALA A 65 -1.12 -7.31 11.93
C ALA A 65 -1.33 -7.01 10.45
N VAL A 66 -2.57 -7.19 10.03
CA VAL A 66 -2.95 -7.09 8.61
C VAL A 66 -2.71 -5.70 8.07
N ILE A 67 -2.98 -4.66 8.88
CA ILE A 67 -2.65 -3.30 8.44
C ILE A 67 -1.15 -3.10 8.24
N GLN A 68 -0.35 -3.55 9.21
CA GLN A 68 1.10 -3.37 9.09
C GLN A 68 1.66 -4.23 7.97
N TYR A 69 1.14 -5.43 7.69
CA TYR A 69 1.72 -6.22 6.60
C TYR A 69 1.33 -5.64 5.26
N SER A 70 0.12 -5.06 5.16
CA SER A 70 -0.25 -4.64 3.81
C SER A 70 -0.06 -3.16 3.55
N TRP A 71 0.32 -2.37 4.54
CA TRP A 71 0.29 -0.91 4.31
C TRP A 71 1.18 -0.48 3.13
N MET A 72 2.35 -1.08 2.91
CA MET A 72 3.19 -0.58 1.80
C MET A 72 2.52 -0.86 0.46
N GLY A 73 1.91 -2.03 0.32
CA GLY A 73 1.18 -2.39 -0.89
C GLY A 73 0.02 -1.44 -1.15
N LEU A 74 -0.71 -1.11 -0.09
CA LEU A 74 -1.80 -0.16 -0.15
C LEU A 74 -1.35 1.20 -0.68
N MET A 75 -0.23 1.67 -0.13
CA MET A 75 0.30 2.97 -0.53
C MET A 75 0.78 2.91 -1.97
N VAL A 76 1.50 1.85 -2.33
CA VAL A 76 1.94 1.74 -3.72
C VAL A 76 0.79 1.80 -4.71
N PHE A 77 -0.24 1.00 -4.47
CA PHE A 77 -1.44 0.96 -5.29
C PHE A 77 -2.16 2.30 -5.34
N ALA A 78 -2.35 2.91 -4.17
CA ALA A 78 -3.00 4.23 -4.14
C ALA A 78 -2.16 5.30 -4.85
N MET A 79 -0.84 5.31 -4.67
CA MET A 79 0.02 6.28 -5.36
C MET A 79 -0.01 6.07 -6.87
N GLY A 80 0.02 4.82 -7.32
CA GLY A 80 -0.12 4.53 -8.74
C GLY A 80 -1.39 5.09 -9.34
N TRP A 81 -2.50 5.00 -8.61
CA TRP A 81 -3.79 5.52 -9.08
C TRP A 81 -3.77 7.05 -9.17
N ARG A 82 -3.30 7.72 -8.13
CA ARG A 82 -3.14 9.17 -8.13
C ARG A 82 -2.28 9.62 -9.31
N SER A 83 -1.19 8.91 -9.57
CA SER A 83 -0.27 9.23 -10.65
C SER A 83 -1.01 9.22 -11.98
N PHE A 84 -1.75 8.13 -12.17
CA PHE A 84 -2.57 7.94 -13.36
C PHE A 84 -3.59 9.07 -13.48
N THR A 85 -4.42 9.26 -12.45
CA THR A 85 -5.46 10.27 -12.56
C THR A 85 -4.89 11.69 -12.57
N ASN A 86 -3.81 11.99 -11.87
CA ASN A 86 -3.44 13.41 -11.79
C ASN A 86 -2.50 13.82 -12.91
N VAL A 87 -1.60 12.93 -13.31
CA VAL A 87 -0.61 13.36 -14.28
C VAL A 87 -0.38 12.31 -15.37
N ASN A 88 -1.39 11.49 -15.62
CA ASN A 88 -1.33 10.52 -16.72
C ASN A 88 -0.05 9.70 -16.68
N SER A 89 0.33 9.32 -15.48
CA SER A 89 1.51 8.50 -15.24
C SER A 89 2.81 9.11 -15.74
N ARG A 90 2.81 10.41 -16.01
CA ARG A 90 4.07 11.01 -16.48
C ARG A 90 5.08 11.04 -15.36
N MET A 91 4.60 11.17 -14.13
CA MET A 91 5.49 11.21 -12.99
C MET A 91 4.83 10.47 -11.81
N LEU A 92 5.57 10.26 -10.74
CA LEU A 92 4.96 9.59 -9.59
C LEU A 92 4.49 10.61 -8.57
N TYR A 93 3.17 10.61 -8.37
CA TYR A 93 2.47 11.54 -7.51
C TYR A 93 2.32 10.97 -6.11
N PHE A 94 3.43 10.98 -5.38
CA PHE A 94 3.49 10.56 -3.98
C PHE A 94 2.55 11.44 -3.15
N ALA A 95 2.69 12.75 -3.31
CA ALA A 95 1.83 13.73 -2.67
C ALA A 95 1.78 15.02 -3.49
N PRO A 96 0.86 15.93 -3.23
CA PRO A 96 0.82 17.15 -4.03
C PRO A 96 2.14 17.92 -3.95
N ASP A 97 2.87 17.85 -2.85
CA ASP A 97 4.15 18.53 -2.70
C ASP A 97 5.35 17.59 -2.80
N LEU A 98 5.12 16.40 -3.37
CA LEU A 98 6.20 15.45 -3.57
C LEU A 98 5.88 14.64 -4.83
N VAL A 99 6.16 15.29 -5.96
CA VAL A 99 5.96 14.67 -7.26
C VAL A 99 7.29 14.25 -7.86
N PHE A 100 7.48 12.96 -8.15
CA PHE A 100 8.79 12.51 -8.64
C PHE A 100 8.92 12.53 -10.16
N ASN A 101 9.83 13.34 -10.68
CA ASN A 101 10.22 13.23 -12.10
C ASN A 101 11.36 12.22 -12.18
N GLU A 102 11.93 11.94 -13.36
CA GLU A 102 12.94 10.90 -13.48
C GLU A 102 14.19 11.23 -12.68
N TYR A 103 14.47 12.53 -12.58
CA TYR A 103 15.66 12.95 -11.84
C TYR A 103 15.55 12.58 -10.36
N ARG A 104 14.38 12.77 -9.77
CA ARG A 104 14.14 12.40 -8.39
C ARG A 104 14.08 10.89 -8.18
N MET A 105 13.49 10.22 -9.17
CA MET A 105 13.56 8.75 -9.18
C MET A 105 15.02 8.31 -9.03
N HIS A 106 15.89 8.88 -9.85
CA HIS A 106 17.31 8.56 -9.77
C HIS A 106 17.98 8.98 -8.47
N LYS A 107 17.71 10.20 -8.03
CA LYS A 107 18.32 10.74 -6.83
C LYS A 107 17.95 9.97 -5.56
N SER A 108 16.73 9.44 -5.51
CA SER A 108 16.23 8.68 -4.36
C SER A 108 16.90 7.33 -4.25
N ARG A 109 17.64 6.92 -5.27
CA ARG A 109 18.34 5.65 -5.34
C ARG A 109 17.37 4.47 -5.48
N MET A 110 16.12 4.77 -5.80
CA MET A 110 15.10 3.75 -5.98
C MET A 110 14.60 3.73 -7.43
N TYR A 111 15.50 3.93 -8.39
CA TYR A 111 15.07 4.06 -9.76
C TYR A 111 14.33 2.80 -10.21
N SER A 112 14.89 1.63 -9.96
CA SER A 112 14.20 0.42 -10.45
C SER A 112 12.83 0.25 -9.84
N GLN A 113 12.68 0.54 -8.55
CA GLN A 113 11.38 0.45 -7.91
C GLN A 113 10.41 1.51 -8.44
N CYS A 114 10.92 2.71 -8.73
CA CYS A 114 10.04 3.75 -9.26
C CYS A 114 9.52 3.38 -10.66
N VAL A 115 10.38 2.81 -11.52
CA VAL A 115 9.95 2.47 -12.87
C VAL A 115 8.82 1.43 -12.83
N ARG A 116 8.95 0.47 -11.91
CA ARG A 116 7.85 -0.49 -11.78
C ARG A 116 6.56 0.16 -11.30
N MET A 117 6.65 1.10 -10.36
CA MET A 117 5.46 1.79 -9.87
C MET A 117 4.88 2.64 -11.00
N ARG A 118 5.73 3.24 -11.83
CA ARG A 118 5.20 4.04 -12.94
C ARG A 118 4.50 3.12 -13.96
N HIS A 119 5.04 1.91 -14.13
CA HIS A 119 4.36 0.94 -15.00
C HIS A 119 3.02 0.51 -14.43
N LEU A 120 2.96 0.26 -13.12
CA LEU A 120 1.70 -0.01 -12.47
C LEU A 120 0.72 1.14 -12.75
N SER A 121 1.21 2.37 -12.64
CA SER A 121 0.35 3.52 -12.91
C SER A 121 -0.21 3.52 -14.33
N GLN A 122 0.64 3.20 -15.31
CA GLN A 122 0.16 3.17 -16.70
C GLN A 122 -0.87 2.06 -16.93
N GLU A 123 -0.81 0.95 -16.19
CA GLU A 123 -1.82 -0.10 -16.39
C GLU A 123 -3.22 0.35 -15.98
N PHE A 124 -3.34 1.25 -15.01
CA PHE A 124 -4.64 1.83 -14.68
C PHE A 124 -5.26 2.43 -15.93
N GLY A 125 -4.44 3.09 -16.78
CA GLY A 125 -5.01 3.57 -18.03
C GLY A 125 -5.18 2.50 -19.10
N TRP A 126 -4.22 1.61 -19.29
CA TRP A 126 -4.30 0.56 -20.30
C TRP A 126 -5.52 -0.33 -20.04
N LEU A 127 -5.76 -0.64 -18.77
CA LEU A 127 -6.90 -1.48 -18.41
C LEU A 127 -8.18 -0.66 -18.25
N GLN A 128 -8.14 0.66 -18.37
CA GLN A 128 -9.31 1.50 -18.17
C GLN A 128 -10.00 1.18 -16.85
N ILE A 129 -9.24 1.00 -15.79
CA ILE A 129 -9.76 0.84 -14.43
C ILE A 129 -10.68 1.98 -14.00
N THR A 130 -11.91 1.66 -13.60
CA THR A 130 -12.85 2.66 -13.09
C THR A 130 -12.49 3.06 -11.66
N PRO A 131 -12.89 4.24 -11.23
CA PRO A 131 -12.68 4.61 -9.82
C PRO A 131 -13.34 3.62 -8.87
N GLN A 132 -14.44 3.02 -9.28
CA GLN A 132 -15.14 2.09 -8.39
C GLN A 132 -14.39 0.77 -8.31
N GLU A 133 -13.87 0.29 -9.44
CA GLU A 133 -12.95 -0.85 -9.45
C GLU A 133 -11.72 -0.54 -8.60
N PHE A 134 -11.16 0.66 -8.70
CA PHE A 134 -10.03 1.07 -7.89
C PHE A 134 -10.34 0.89 -6.40
N LEU A 135 -11.50 1.36 -5.95
CA LEU A 135 -11.84 1.28 -4.54
C LEU A 135 -11.99 -0.16 -4.06
N CYS A 136 -12.64 -1.00 -4.85
CA CYS A 136 -12.78 -2.39 -4.41
C CYS A 136 -11.45 -3.14 -4.41
N MET A 137 -10.60 -2.93 -5.41
CA MET A 137 -9.31 -3.59 -5.48
C MET A 137 -8.44 -3.17 -4.32
N LYS A 138 -8.48 -1.88 -3.97
CA LYS A 138 -7.63 -1.43 -2.87
C LYS A 138 -8.09 -2.08 -1.57
N ALA A 139 -9.41 -2.19 -1.37
CA ALA A 139 -9.89 -2.83 -0.14
C ALA A 139 -9.42 -4.27 -0.06
N LEU A 140 -9.54 -5.03 -1.15
CA LEU A 140 -9.09 -6.41 -1.22
C LEU A 140 -7.60 -6.54 -0.89
N LEU A 141 -6.81 -5.57 -1.33
CA LEU A 141 -5.38 -5.53 -1.02
C LEU A 141 -5.08 -5.60 0.47
N LEU A 142 -5.90 -5.02 1.33
CA LEU A 142 -5.68 -5.10 2.77
C LEU A 142 -5.64 -6.56 3.23
N PHE A 143 -6.45 -7.42 2.60
CA PHE A 143 -6.57 -8.82 2.97
C PHE A 143 -5.77 -9.73 2.05
N SER A 144 -4.56 -9.34 1.65
CA SER A 144 -3.83 -10.11 0.65
C SER A 144 -2.42 -10.46 1.04
N ILE A 145 -2.11 -10.35 2.32
CA ILE A 145 -0.80 -10.82 2.77
C ILE A 145 -0.90 -11.24 4.23
N ILE A 146 -0.48 -12.46 4.56
CA ILE A 146 -0.67 -13.01 5.89
C ILE A 146 0.48 -13.93 6.31
N PRO A 147 0.61 -14.28 7.59
CA PRO A 147 1.66 -15.22 8.02
C PRO A 147 1.42 -16.63 7.46
N VAL A 148 2.44 -17.32 6.98
CA VAL A 148 2.23 -18.66 6.44
C VAL A 148 1.67 -19.66 7.47
N ASP A 149 1.96 -19.48 8.75
CA ASP A 149 1.53 -20.23 9.91
C ASP A 149 0.15 -19.80 10.43
N GLY A 150 -0.50 -18.88 9.73
CA GLY A 150 -1.87 -18.49 10.03
C GLY A 150 -2.05 -17.34 10.98
N LEU A 151 -3.24 -16.74 10.96
CA LEU A 151 -3.59 -15.63 11.83
C LEU A 151 -4.21 -16.14 13.12
N LYS A 152 -4.39 -15.25 14.08
CA LYS A 152 -5.00 -15.62 15.37
C LYS A 152 -6.39 -16.22 15.18
N ASN A 153 -7.21 -15.57 14.36
CA ASN A 153 -8.49 -16.16 14.01
C ASN A 153 -8.61 -16.24 12.49
N GLN A 154 -8.04 -17.32 11.97
CA GLN A 154 -7.92 -17.48 10.52
C GLN A 154 -9.28 -17.56 9.83
N LYS A 155 -10.24 -18.24 10.44
CA LYS A 155 -11.55 -18.41 9.81
C LYS A 155 -12.24 -17.08 9.54
N PHE A 156 -12.17 -16.15 10.50
CA PHE A 156 -12.80 -14.84 10.30
C PHE A 156 -12.13 -14.04 9.18
N PHE A 157 -10.81 -14.11 9.13
CA PHE A 157 -10.07 -13.50 8.01
C PHE A 157 -10.56 -14.12 6.69
N ASP A 158 -10.55 -15.45 6.63
CA ASP A 158 -10.93 -16.15 5.40
C ASP A 158 -12.26 -15.67 4.86
N GLU A 159 -13.25 -15.64 5.76
CA GLU A 159 -14.57 -15.22 5.29
C GLU A 159 -14.60 -13.74 4.90
N LEU A 160 -13.74 -12.92 5.50
CA LEU A 160 -13.73 -11.50 5.18
C LEU A 160 -13.14 -11.29 3.79
N ARG A 161 -11.99 -11.95 3.57
CA ARG A 161 -11.34 -11.92 2.27
C ARG A 161 -12.32 -12.39 1.20
N MET A 162 -12.97 -13.50 1.48
CA MET A 162 -14.00 -13.99 0.58
C MET A 162 -15.04 -12.96 0.19
N ASN A 163 -15.54 -12.20 1.18
CA ASN A 163 -16.58 -11.21 0.87
C ASN A 163 -16.02 -10.10 -0.01
N TYR A 164 -14.75 -9.72 0.21
CA TYR A 164 -14.22 -8.64 -0.64
C TYR A 164 -14.01 -9.13 -2.06
N ILE A 165 -13.64 -10.39 -2.23
CA ILE A 165 -13.54 -10.92 -3.60
C ILE A 165 -14.90 -10.97 -4.27
N LYS A 166 -15.92 -11.37 -3.54
CA LYS A 166 -17.29 -11.34 -4.03
C LYS A 166 -17.76 -9.96 -4.42
N GLU A 167 -17.33 -8.92 -3.70
CA GLU A 167 -17.82 -7.59 -4.07
C GLU A 167 -17.11 -7.05 -5.29
N LEU A 168 -15.84 -7.44 -5.46
CA LEU A 168 -15.07 -7.03 -6.63
C LEU A 168 -15.67 -7.67 -7.88
N ASP A 169 -15.98 -8.96 -7.79
CA ASP A 169 -16.67 -9.67 -8.87
C ASP A 169 -18.01 -9.01 -9.19
N ARG A 170 -18.73 -8.56 -8.16
CA ARG A 170 -19.98 -7.84 -8.33
C ARG A 170 -19.78 -6.62 -9.22
N ILE A 171 -18.87 -5.70 -8.86
CA ILE A 171 -18.88 -4.51 -9.72
C ILE A 171 -18.21 -4.79 -11.07
N ILE A 172 -17.70 -6.00 -11.27
CA ILE A 172 -17.27 -6.35 -12.63
C ILE A 172 -18.46 -6.92 -13.38
N ALA A 173 -19.27 -7.71 -12.67
CA ALA A 173 -20.48 -8.30 -13.24
C ALA A 173 -21.45 -7.21 -13.68
N CYS A 174 -21.52 -6.17 -12.86
CA CYS A 174 -22.39 -5.02 -13.01
C CYS A 174 -21.78 -3.96 -13.93
N THR A 180 -15.89 -14.89 -20.89
CA THR A 180 -16.61 -13.73 -21.37
C THR A 180 -15.92 -12.43 -20.94
N SER A 181 -16.61 -11.32 -21.18
CA SER A 181 -16.09 -10.02 -20.76
C SER A 181 -15.77 -10.06 -19.28
N CYS A 182 -16.78 -10.31 -18.46
CA CYS A 182 -16.58 -10.34 -17.01
C CYS A 182 -15.49 -11.31 -16.61
N SER A 183 -15.37 -12.37 -17.42
CA SER A 183 -14.35 -13.38 -17.16
C SER A 183 -12.95 -12.81 -17.40
N ARG A 184 -12.72 -12.29 -18.61
CA ARG A 184 -11.39 -11.75 -18.88
C ARG A 184 -11.01 -10.66 -17.88
N ARG A 185 -11.99 -9.86 -17.46
CA ARG A 185 -11.74 -8.74 -16.58
C ARG A 185 -11.23 -9.15 -15.21
N PHE A 186 -11.86 -10.13 -14.57
CA PHE A 186 -11.40 -10.54 -13.25
C PHE A 186 -9.96 -11.02 -13.31
N TYR A 187 -9.66 -11.75 -14.37
CA TYR A 187 -8.29 -12.20 -14.64
C TYR A 187 -7.34 -10.99 -14.68
N GLN A 188 -7.69 -9.97 -15.46
CA GLN A 188 -6.73 -8.86 -15.63
C GLN A 188 -6.54 -8.07 -14.35
N LEU A 189 -7.62 -7.89 -13.61
CA LEU A 189 -7.52 -7.09 -12.38
C LEU A 189 -6.74 -7.82 -11.31
N THR A 190 -6.88 -9.15 -11.25
CA THR A 190 -6.16 -9.89 -10.21
C THR A 190 -4.68 -10.06 -10.55
N LYS A 191 -4.34 -10.09 -11.85
CA LYS A 191 -2.95 -10.04 -12.25
C LYS A 191 -2.33 -8.71 -11.81
N LEU A 192 -3.08 -7.63 -12.02
CA LEU A 192 -2.60 -6.33 -11.56
C LEU A 192 -2.43 -6.34 -10.04
N LEU A 193 -3.40 -6.88 -9.31
CA LEU A 193 -3.24 -6.88 -7.85
C LEU A 193 -2.02 -7.70 -7.44
N ASP A 194 -1.84 -8.88 -8.05
CA ASP A 194 -0.66 -9.68 -7.71
C ASP A 194 0.63 -8.89 -7.90
N SER A 195 0.67 -8.00 -8.90
CA SER A 195 1.94 -7.34 -9.21
C SER A 195 2.36 -6.30 -8.20
N VAL A 196 1.42 -5.89 -7.35
CA VAL A 196 1.72 -4.93 -6.30
C VAL A 196 2.74 -5.48 -5.30
N GLN A 197 2.59 -6.75 -4.94
CA GLN A 197 3.33 -7.36 -3.85
C GLN A 197 4.83 -7.40 -4.09
N PRO A 198 5.31 -7.86 -5.24
CA PRO A 198 6.76 -7.79 -5.51
C PRO A 198 7.32 -6.37 -5.45
N ILE A 199 6.56 -5.38 -5.86
CA ILE A 199 7.08 -4.01 -5.72
C ILE A 199 7.17 -3.58 -4.27
N ALA A 200 6.17 -3.93 -3.45
CA ALA A 200 6.26 -3.57 -2.03
C ALA A 200 7.46 -4.25 -1.38
N ARG A 201 7.70 -5.51 -1.73
CA ARG A 201 8.85 -6.19 -1.15
C ARG A 201 10.18 -5.53 -1.53
N GLU A 202 10.29 -5.04 -2.75
CA GLU A 202 11.50 -4.35 -3.19
C GLU A 202 11.72 -3.05 -2.44
N LEU A 203 10.62 -2.37 -2.10
CA LEU A 203 10.71 -1.15 -1.30
C LEU A 203 11.16 -1.48 0.13
N HIS A 204 10.59 -2.57 0.68
CA HIS A 204 10.91 -3.09 2.00
C HIS A 204 12.40 -3.46 2.08
N GLN A 205 12.89 -4.19 1.07
CA GLN A 205 14.28 -4.62 1.08
C GLN A 205 15.24 -3.44 1.03
N PHE A 206 14.99 -2.50 0.12
CA PHE A 206 15.77 -1.27 0.07
C PHE A 206 15.80 -0.55 1.41
N THR A 207 14.62 -0.42 2.01
CA THR A 207 14.53 0.45 3.20
C THR A 207 15.05 -0.24 4.44
N PHE A 208 14.86 -1.58 4.48
CA PHE A 208 15.45 -2.38 5.56
C PHE A 208 16.97 -2.22 5.53
N ASP A 209 17.53 -2.35 4.33
CA ASP A 209 18.99 -2.24 4.18
C ASP A 209 19.47 -0.87 4.62
N LEU A 210 18.68 0.16 4.32
CA LEU A 210 18.99 1.54 4.71
C LEU A 210 18.97 1.72 6.21
N LEU A 211 17.93 1.20 6.88
CA LEU A 211 17.84 1.28 8.32
C LEU A 211 19.09 0.65 8.96
N ILE A 212 19.39 -0.55 8.46
CA ILE A 212 20.54 -1.25 9.05
C ILE A 212 21.83 -0.49 8.80
N LYS A 213 22.07 -0.06 7.54
CA LYS A 213 23.38 0.57 7.35
C LYS A 213 23.34 1.98 7.95
N SER A 214 22.17 2.59 7.97
CA SER A 214 21.80 3.91 8.42
C SER A 214 22.89 4.66 9.17
N HIS A 215 23.53 4.02 10.14
CA HIS A 215 24.64 4.62 10.87
C HIS A 215 25.66 5.27 9.92
N MET A 216 25.86 4.66 8.76
CA MET A 216 26.81 5.13 7.76
C MET A 216 26.21 6.16 6.83
N VAL A 217 25.03 5.85 6.26
CA VAL A 217 24.37 6.78 5.36
C VAL A 217 23.59 7.84 6.14
N SER A 218 23.76 7.79 7.45
CA SER A 218 23.17 8.59 8.49
C SER A 218 21.86 9.26 8.06
N VAL A 219 20.75 8.57 8.33
CA VAL A 219 19.42 9.10 8.06
C VAL A 219 18.49 8.78 9.24
N ASP A 220 18.01 9.80 9.91
CA ASP A 220 17.18 9.65 11.10
C ASP A 220 15.89 8.88 10.85
N PHE A 221 15.82 7.58 11.19
CA PHE A 221 14.53 6.91 11.01
C PHE A 221 13.65 7.20 12.24
N PRO A 222 12.49 7.77 11.91
CA PRO A 222 11.48 8.10 12.89
C PRO A 222 10.86 6.83 13.48
N GLU A 223 10.28 7.08 14.61
CA GLU A 223 9.06 6.71 15.24
C GLU A 223 8.63 5.28 14.91
N MET A 224 7.46 5.29 14.30
CA MET A 224 6.73 4.15 13.85
C MET A 224 7.52 3.48 12.74
N MET A 225 8.33 4.24 12.00
CA MET A 225 9.02 3.56 10.89
C MET A 225 10.08 2.60 11.40
N ALA A 226 10.89 3.01 12.38
CA ALA A 226 11.95 2.13 12.83
C ALA A 226 11.36 0.85 13.41
N GLU A 227 10.21 1.03 14.06
CA GLU A 227 9.55 -0.11 14.67
C GLU A 227 9.09 -1.07 13.57
N ILE A 228 8.40 -0.50 12.57
CA ILE A 228 7.75 -1.44 11.63
C ILE A 228 8.79 -2.13 10.78
N ILE A 229 9.84 -1.39 10.41
CA ILE A 229 10.85 -2.00 9.55
C ILE A 229 11.68 -3.04 10.30
N SER A 230 11.86 -2.87 11.61
CA SER A 230 12.71 -3.81 12.36
C SER A 230 11.88 -4.95 12.96
N VAL A 231 10.59 -4.74 13.20
CA VAL A 231 9.80 -5.80 13.86
C VAL A 231 8.92 -6.56 12.89
N GLN A 232 8.35 -5.89 11.89
CA GLN A 232 7.35 -6.57 11.07
C GLN A 232 7.88 -6.89 9.67
N VAL A 233 8.51 -5.88 9.07
CA VAL A 233 9.08 -6.04 7.73
C VAL A 233 9.98 -7.28 7.64
N PRO A 234 10.84 -7.60 8.58
CA PRO A 234 11.70 -8.80 8.37
C PRO A 234 10.85 -10.06 8.31
N LYS A 235 9.66 -10.10 8.91
CA LYS A 235 8.83 -11.28 8.70
C LYS A 235 8.53 -11.51 7.23
N ILE A 236 8.34 -10.40 6.50
CA ILE A 236 8.01 -10.54 5.07
C ILE A 236 9.27 -10.87 4.31
N LEU A 237 10.39 -10.21 4.64
CA LEU A 237 11.62 -10.49 3.89
C LEU A 237 12.13 -11.90 4.13
N SER A 238 11.84 -12.47 5.31
CA SER A 238 12.31 -13.82 5.61
C SER A 238 11.31 -14.88 5.17
N GLY A 239 10.19 -14.50 4.57
CA GLY A 239 9.26 -15.55 4.11
C GLY A 239 8.29 -16.05 5.14
N LYS A 240 8.29 -15.52 6.36
CA LYS A 240 7.32 -15.97 7.37
C LYS A 240 5.94 -15.37 7.13
N VAL A 241 5.91 -14.22 6.45
CA VAL A 241 4.66 -13.59 6.00
C VAL A 241 4.74 -13.47 4.48
N LYS A 242 3.71 -13.97 3.79
CA LYS A 242 3.73 -13.99 2.34
C LYS A 242 2.43 -13.50 1.73
N PRO A 243 2.50 -12.88 0.56
CA PRO A 243 1.28 -12.50 -0.14
C PRO A 243 0.43 -13.72 -0.46
N ILE A 244 -0.87 -13.47 -0.50
CA ILE A 244 -1.83 -14.40 -1.07
C ILE A 244 -1.96 -14.04 -2.55
N TYR A 245 -1.37 -14.87 -3.41
CA TYR A 245 -1.48 -14.58 -4.84
C TYR A 245 -2.72 -15.19 -5.48
N PHE A 246 -3.31 -14.50 -6.45
CA PHE A 246 -4.36 -15.12 -7.26
C PHE A 246 -3.77 -16.14 -8.21
N HIS A 247 -2.63 -15.77 -8.80
CA HIS A 247 -2.04 -16.58 -9.87
C HIS A 247 -0.73 -17.19 -9.46
N THR A 248 -0.28 -18.25 -10.14
CA THR A 248 1.03 -18.76 -9.66
C THR A 248 2.12 -17.91 -10.28
N GLN A 249 3.10 -17.50 -9.49
CA GLN A 249 4.08 -16.51 -9.91
C GLN A 249 5.23 -17.10 -10.75
N GLY B 1 4.28 -0.61 22.03
CA GLY B 1 4.83 -0.25 20.73
C GLY B 1 4.17 0.97 20.12
N ALA B 2 4.89 1.68 19.26
CA ALA B 2 4.35 2.86 18.60
C ALA B 2 3.16 2.53 17.71
N PHE B 3 3.20 1.40 16.99
CA PHE B 3 2.04 1.16 16.13
C PHE B 3 0.79 0.87 16.96
N GLN B 4 0.94 0.06 17.99
CA GLN B 4 -0.23 -0.26 18.81
C GLN B 4 -0.81 1.02 19.41
N ASN B 5 0.01 1.96 19.85
CA ASN B 5 -0.46 3.23 20.40
C ASN B 5 -1.34 3.96 19.40
N LEU B 6 -0.83 4.02 18.16
CA LEU B 6 -1.61 4.66 17.10
C LEU B 6 -2.94 3.96 16.87
N PHE B 7 -2.91 2.66 16.64
CA PHE B 7 -4.10 1.85 16.42
C PHE B 7 -5.13 2.11 17.51
N GLN B 8 -4.69 2.05 18.76
CA GLN B 8 -5.61 2.25 19.89
C GLN B 8 -6.10 3.68 19.98
N SER B 9 -5.29 4.63 19.52
CA SER B 9 -5.68 6.03 19.47
C SER B 9 -6.81 6.30 18.51
N VAL B 10 -7.00 5.42 17.54
CA VAL B 10 -8.03 5.63 16.53
C VAL B 10 -9.35 5.01 16.99
N ARG B 11 -10.32 5.89 17.13
CA ARG B 11 -11.70 5.59 17.43
C ARG B 11 -12.18 4.37 16.67
N4 PK1 C . 9.89 4.37 1.23
C31 PK1 C . 10.06 5.34 3.53
C4 PK1 C . 11.30 4.04 0.91
O2 PK1 C . 7.22 4.87 3.36
C2 PK1 C . 7.95 4.76 2.42
S5 PK1 C . 8.94 4.89 -1.12
C5 PK1 C . 8.85 4.77 0.33
C3 PK1 C . 9.33 4.34 2.58
C1B PK1 C . 9.30 2.94 3.20
C2B PK1 C . 9.16 2.80 4.57
C3B PK1 C . 9.13 1.54 5.15
C4B PK1 C . 9.27 0.39 4.37
C5B PK1 C . 9.38 0.55 2.97
C6B PK1 C . 9.38 1.81 2.40
O4 PK1 C . 9.24 -0.89 4.96
N1 PK1 C . 7.64 5.02 1.08
C1A PK1 C . 6.39 5.57 0.66
C2A PK1 C . 5.82 6.67 1.29
C3A PK1 C . 4.59 7.11 0.81
C4A PK1 C . 4.02 6.51 -0.30
C5A PK1 C . 4.56 5.39 -0.89
C6A PK1 C . 5.79 4.98 -0.44
CL1 PK1 C . 3.85 4.61 -2.23
CL2 PK1 C . 2.50 7.10 -0.86
S SO4 D . 22.72 13.10 -3.38
O1 SO4 D . 22.79 13.44 -1.96
O2 SO4 D . 23.60 11.97 -3.64
O3 SO4 D . 21.36 12.74 -3.72
O4 SO4 D . 23.13 14.23 -4.18
#